data_5BQG
#
_entry.id   5BQG
#
_cell.length_a   77.472
_cell.length_b   77.472
_cell.length_c   123.123
_cell.angle_alpha   90.00
_cell.angle_beta   90.00
_cell.angle_gamma   120.00
#
_symmetry.space_group_name_H-M   'H 3'
#
loop_
_entity.id
_entity.type
_entity.pdbx_description
1 polymer 'Prostaglandin E synthase'
2 non-polymer 2-chloro-N-(4-phenyl-1,3-thiazol-2-yl)benzamide
3 non-polymer GLUTATHIONE
4 non-polymer 'hexyl beta-D-glucopyranoside'
5 non-polymer 'octyl beta-D-glucopyranoside'
6 non-polymer 'TRIETHYLENE GLYCOL'
7 non-polymer DI(HYDROXYETHYL)ETHER
8 water water
#
_entity_poly.entity_id   1
_entity_poly.type   'polypeptide(L)'
_entity_poly.pdbx_seq_one_letter_code
;MALPAHSLVMSSPALPAFLLCSTLLVIKMYVVAIITGQVRLRKKAFANPEDALRHGGPQYCRSDPDVERCLRAHRNDMET
IYPFLFLGFVYSFLGPNPFVAWMHFLVFLVGRVAHTVAYLGKLRAPIRSVTYTLAQLPCASMALQILWEAARHL
;
_entity_poly.pdbx_strand_id   A
#
loop_
_chem_comp.id
_chem_comp.type
_chem_comp.name
_chem_comp.formula
4UJ non-polymer 2-chloro-N-(4-phenyl-1,3-thiazol-2-yl)benzamide 'C16 H11 Cl N2 O S'
BOG D-saccharide 'octyl beta-D-glucopyranoside' 'C14 H28 O6'
GSH non-polymer GLUTATHIONE 'C10 H17 N3 O6 S'
JZR D-saccharide 'hexyl beta-D-glucopyranoside' 'C12 H24 O6'
PEG non-polymer DI(HYDROXYETHYL)ETHER 'C4 H10 O3'
PGE non-polymer 'TRIETHYLENE GLYCOL' 'C6 H14 O4'
#
# COMPACT_ATOMS: atom_id res chain seq x y z
N SER A 7 -25.99 -3.88 9.03
CA SER A 7 -24.68 -3.17 9.05
C SER A 7 -24.46 -2.37 7.77
N LEU A 8 -23.73 -1.26 7.90
CA LEU A 8 -23.47 -0.35 6.78
C LEU A 8 -22.34 -0.85 5.85
N VAL A 9 -21.70 -1.95 6.22
CA VAL A 9 -20.70 -2.62 5.37
C VAL A 9 -21.36 -3.18 4.11
N MET A 10 -22.67 -3.41 4.18
CA MET A 10 -23.44 -3.92 3.05
C MET A 10 -24.13 -2.83 2.22
N SER A 11 -23.61 -1.60 2.30
CA SER A 11 -24.13 -0.48 1.51
C SER A 11 -24.02 -0.74 0.01
N SER A 12 -23.06 -1.59 -0.36
CA SER A 12 -22.88 -2.04 -1.75
CA SER A 12 -22.87 -2.03 -1.75
C SER A 12 -22.28 -3.44 -1.75
N PRO A 13 -22.61 -4.26 -2.79
CA PRO A 13 -22.10 -5.64 -2.82
C PRO A 13 -20.57 -5.79 -2.77
N ALA A 14 -19.85 -4.82 -3.32
CA ALA A 14 -18.38 -4.89 -3.40
C ALA A 14 -17.68 -4.35 -2.16
N LEU A 15 -18.41 -3.64 -1.31
CA LEU A 15 -17.81 -2.96 -0.16
C LEU A 15 -17.09 -3.87 0.86
N PRO A 16 -17.71 -5.01 1.26
CA PRO A 16 -17.00 -5.88 2.21
C PRO A 16 -15.62 -6.33 1.71
N ALA A 17 -15.55 -6.72 0.44
CA ALA A 17 -14.27 -7.14 -0.15
C ALA A 17 -13.27 -5.99 -0.17
N PHE A 18 -13.73 -4.79 -0.51
CA PHE A 18 -12.86 -3.62 -0.50
C PHE A 18 -12.30 -3.34 0.90
N LEU A 19 -13.19 -3.36 1.89
CA LEU A 19 -12.80 -3.07 3.27
C LEU A 19 -11.82 -4.11 3.82
N LEU A 20 -12.01 -5.38 3.44
CA LEU A 20 -11.09 -6.44 3.86
C LEU A 20 -9.69 -6.20 3.27
N CYS A 21 -9.61 -6.00 1.96
CA CYS A 21 -8.33 -5.82 1.29
C CYS A 21 -7.61 -4.55 1.75
N SER A 22 -8.35 -3.45 1.85
CA SER A 22 -7.77 -2.17 2.28
C SER A 22 -7.23 -2.23 3.71
N THR A 23 -7.99 -2.82 4.62
CA THR A 23 -7.57 -2.88 6.01
C THR A 23 -6.35 -3.79 6.16
N LEU A 24 -6.32 -4.90 5.42
CA LEU A 24 -5.13 -5.75 5.40
C LEU A 24 -3.91 -5.00 4.90
N LEU A 25 -4.10 -4.15 3.90
CA LEU A 25 -3.00 -3.34 3.36
C LEU A 25 -2.51 -2.26 4.33
N VAL A 26 -3.43 -1.66 5.08
CA VAL A 26 -3.06 -0.72 6.15
C VAL A 26 -2.23 -1.45 7.21
N ILE A 27 -2.69 -2.64 7.61
CA ILE A 27 -1.95 -3.47 8.57
C ILE A 27 -0.56 -3.82 8.01
N LYS A 28 -0.49 -4.11 6.72
CA LYS A 28 0.79 -4.41 6.05
C LYS A 28 1.76 -3.21 6.07
N MET A 29 1.21 -2.00 6.01
CA MET A 29 2.02 -0.80 6.17
C MET A 29 2.53 -0.65 7.60
N TYR A 30 1.66 -0.94 8.56
CA TYR A 30 2.08 -0.94 9.96
C TYR A 30 3.20 -1.97 10.21
N VAL A 31 3.12 -3.12 9.53
CA VAL A 31 4.18 -4.13 9.62
C VAL A 31 5.52 -3.55 9.14
N VAL A 32 5.50 -2.81 8.04
CA VAL A 32 6.70 -2.12 7.55
C VAL A 32 7.24 -1.13 8.58
N ALA A 33 6.36 -0.36 9.21
CA ALA A 33 6.77 0.56 10.30
C ALA A 33 7.43 -0.18 11.45
N ILE A 34 6.85 -1.32 11.85
CA ILE A 34 7.41 -2.16 12.92
C ILE A 34 8.79 -2.68 12.54
N ILE A 35 8.92 -3.21 11.33
CA ILE A 35 10.21 -3.70 10.84
C ILE A 35 11.26 -2.58 10.83
N THR A 36 10.88 -1.40 10.36
CA THR A 36 11.79 -0.25 10.32
C THR A 36 12.37 0.04 11.72
N GLY A 37 11.51 0.09 12.72
CA GLY A 37 11.94 0.31 14.11
C GLY A 37 12.90 -0.75 14.61
N GLN A 38 12.59 -2.01 14.31
CA GLN A 38 13.44 -3.13 14.68
C GLN A 38 14.82 -3.05 14.01
N VAL A 39 14.85 -2.70 12.73
CA VAL A 39 16.11 -2.54 12.00
C VAL A 39 16.94 -1.40 12.58
N ARG A 40 16.30 -0.28 12.91
CA ARG A 40 17.00 0.86 13.53
C ARG A 40 17.71 0.42 14.82
N LEU A 41 17.01 -0.33 15.66
CA LEU A 41 17.55 -0.82 16.92
C LEU A 41 18.68 -1.82 16.72
N ARG A 42 18.48 -2.78 15.84
CA ARG A 42 19.48 -3.83 15.56
C ARG A 42 20.76 -3.26 14.96
N LYS A 43 20.62 -2.35 13.99
CA LYS A 43 21.76 -1.74 13.31
C LYS A 43 22.27 -0.49 14.02
N LYS A 44 21.58 -0.11 15.10
CA LYS A 44 21.88 1.13 15.85
C LYS A 44 22.03 2.32 14.91
N ALA A 45 20.96 2.58 14.15
CA ALA A 45 20.94 3.66 13.18
C ALA A 45 19.69 4.50 13.40
N PHE A 46 19.87 5.60 14.12
CA PHE A 46 18.76 6.45 14.54
C PHE A 46 18.78 7.77 13.78
N ALA A 47 17.59 8.32 13.54
CA ALA A 47 17.46 9.55 12.78
C ALA A 47 17.73 10.81 13.61
N ASN A 48 17.67 10.67 14.93
CA ASN A 48 17.71 11.82 15.84
C ASN A 48 18.76 11.66 16.93
N PRO A 49 19.49 12.76 17.24
CA PRO A 49 20.51 12.73 18.29
C PRO A 49 19.96 12.29 19.65
N GLU A 50 18.75 12.71 20.00
CA GLU A 50 18.13 12.30 21.27
C GLU A 50 17.86 10.79 21.35
N ASP A 51 17.54 10.17 20.22
CA ASP A 51 17.36 8.73 20.15
C ASP A 51 18.72 8.02 20.35
N ALA A 52 19.73 8.52 19.65
CA ALA A 52 21.08 7.93 19.68
C ALA A 52 21.69 7.93 21.08
N LEU A 53 21.52 9.05 21.80
CA LEU A 53 22.09 9.17 23.15
C LEU A 53 21.46 8.19 24.14
N ARG A 54 20.20 7.84 23.92
CA ARG A 54 19.49 6.84 24.72
C ARG A 54 19.98 5.41 24.41
N HIS A 55 20.50 5.21 23.20
CA HIS A 55 20.84 3.87 22.72
C HIS A 55 22.32 3.64 22.43
N GLY A 56 23.20 4.29 23.19
CA GLY A 56 24.62 3.99 23.13
C GLY A 56 25.60 5.12 22.87
N GLY A 57 25.11 6.25 22.37
CA GLY A 57 25.96 7.40 22.11
C GLY A 57 25.67 8.13 20.81
N PRO A 58 26.26 9.33 20.64
CA PRO A 58 25.96 10.22 19.51
C PRO A 58 26.35 9.65 18.14
N GLN A 59 27.30 8.71 18.13
CA GLN A 59 27.75 8.08 16.88
C GLN A 59 26.67 7.24 16.20
N TYR A 60 25.61 6.92 16.95
CA TYR A 60 24.51 6.11 16.43
C TYR A 60 23.39 6.94 15.79
N CYS A 61 23.57 8.25 15.73
CA CYS A 61 22.73 9.09 14.89
C CYS A 61 23.36 9.04 13.50
N ARG A 62 22.85 8.13 12.68
CA ARG A 62 23.48 7.82 11.40
C ARG A 62 22.49 7.12 10.47
N SER A 63 22.78 7.18 9.17
CA SER A 63 22.02 6.45 8.17
C SER A 63 22.49 5.01 8.07
N ASP A 64 21.63 4.14 7.57
CA ASP A 64 21.94 2.74 7.34
C ASP A 64 21.21 2.28 6.08
N PRO A 65 21.89 1.48 5.22
CA PRO A 65 21.23 1.07 3.97
C PRO A 65 19.94 0.26 4.17
N ASP A 66 19.90 -0.60 5.19
CA ASP A 66 18.69 -1.39 5.46
C ASP A 66 17.54 -0.51 5.97
N VAL A 67 17.86 0.46 6.83
CA VAL A 67 16.86 1.43 7.28
C VAL A 67 16.32 2.24 6.09
N GLU A 68 17.23 2.71 5.23
CA GLU A 68 16.83 3.46 4.04
C GLU A 68 15.92 2.63 3.12
N ARG A 69 16.24 1.35 2.96
CA ARG A 69 15.41 0.43 2.17
C ARG A 69 14.00 0.30 2.76
N CYS A 70 13.91 0.15 4.09
CA CYS A 70 12.63 0.10 4.78
C CYS A 70 11.81 1.35 4.52
N LEU A 71 12.46 2.51 4.61
CA LEU A 71 11.81 3.79 4.34
C LEU A 71 11.32 3.91 2.90
N ARG A 72 12.10 3.37 1.94
CA ARG A 72 11.68 3.37 0.54
C ARG A 72 10.44 2.51 0.32
N ALA A 73 10.40 1.34 0.94
CA ALA A 73 9.21 0.48 0.86
C ALA A 73 7.99 1.17 1.42
N HIS A 74 8.15 1.79 2.58
CA HIS A 74 7.06 2.53 3.22
C HIS A 74 6.61 3.72 2.35
N ARG A 75 7.58 4.44 1.79
CA ARG A 75 7.25 5.57 0.91
C ARG A 75 6.48 5.10 -0.32
N ASN A 76 6.96 4.01 -0.95
CA ASN A 76 6.25 3.49 -2.11
C ASN A 76 4.83 3.05 -1.77
N ASP A 77 4.65 2.43 -0.59
CA ASP A 77 3.31 2.15 -0.06
C ASP A 77 2.44 3.41 -0.01
N MET A 78 2.99 4.50 0.50
CA MET A 78 2.23 5.76 0.59
C MET A 78 1.88 6.32 -0.79
N GLU A 79 2.76 6.10 -1.77
CA GLU A 79 2.54 6.52 -3.15
C GLU A 79 1.47 5.70 -3.89
N THR A 80 1.14 4.53 -3.35
CA THR A 80 0.28 3.58 -4.07
C THR A 80 -0.96 3.12 -3.29
N ILE A 81 -0.76 2.72 -2.04
CA ILE A 81 -1.85 2.21 -1.22
C ILE A 81 -2.83 3.34 -0.84
N TYR A 82 -2.32 4.51 -0.49
CA TYR A 82 -3.21 5.62 -0.14
C TYR A 82 -4.18 5.99 -1.28
N PRO A 83 -3.69 6.14 -2.54
CA PRO A 83 -4.62 6.34 -3.66
C PRO A 83 -5.65 5.21 -3.80
N PHE A 84 -5.25 3.97 -3.59
CA PHE A 84 -6.17 2.83 -3.63
C PHE A 84 -7.29 2.95 -2.60
N LEU A 85 -6.96 3.42 -1.40
CA LEU A 85 -7.96 3.60 -0.34
C LEU A 85 -9.07 4.53 -0.81
N PHE A 86 -8.70 5.58 -1.53
CA PHE A 86 -9.67 6.51 -2.10
C PHE A 86 -10.42 5.91 -3.29
N LEU A 87 -9.66 5.48 -4.31
CA LEU A 87 -10.25 4.97 -5.56
C LEU A 87 -11.15 3.77 -5.32
N GLY A 88 -10.68 2.81 -4.53
CA GLY A 88 -11.43 1.59 -4.25
C GLY A 88 -12.72 1.85 -3.49
N PHE A 89 -12.69 2.80 -2.57
CA PHE A 89 -13.88 3.16 -1.81
C PHE A 89 -14.96 3.73 -2.74
N VAL A 90 -14.58 4.71 -3.54
CA VAL A 90 -15.50 5.33 -4.50
C VAL A 90 -16.02 4.29 -5.50
N TYR A 91 -15.10 3.49 -6.05
CA TYR A 91 -15.41 2.44 -7.04
C TYR A 91 -16.44 1.44 -6.51
N SER A 92 -16.36 1.12 -5.22
CA SER A 92 -17.27 0.19 -4.57
C SER A 92 -18.73 0.63 -4.67
N PHE A 93 -18.96 1.94 -4.82
CA PHE A 93 -20.31 2.50 -4.88
C PHE A 93 -20.80 2.81 -6.30
N LEU A 94 -20.03 2.39 -7.31
CA LEU A 94 -20.38 2.65 -8.70
C LEU A 94 -21.11 1.47 -9.35
N GLY A 95 -21.50 0.51 -8.52
CA GLY A 95 -22.18 -0.70 -8.98
C GLY A 95 -21.40 -1.54 -9.98
N PRO A 96 -20.12 -1.86 -9.67
CA PRO A 96 -19.38 -2.73 -10.58
C PRO A 96 -19.82 -4.19 -10.41
N ASN A 97 -19.54 -5.02 -11.41
CA ASN A 97 -19.75 -6.45 -11.30
C ASN A 97 -18.96 -6.98 -10.09
N PRO A 98 -19.65 -7.67 -9.16
CA PRO A 98 -19.05 -8.14 -7.90
C PRO A 98 -17.74 -8.90 -8.12
N PHE A 99 -17.74 -9.85 -9.04
CA PHE A 99 -16.54 -10.63 -9.35
C PHE A 99 -15.42 -9.77 -9.92
N VAL A 100 -15.77 -8.87 -10.85
CA VAL A 100 -14.80 -7.96 -11.47
C VAL A 100 -14.18 -7.06 -10.40
N ALA A 101 -15.01 -6.54 -9.50
CA ALA A 101 -14.53 -5.71 -8.38
C ALA A 101 -13.58 -6.50 -7.48
N TRP A 102 -13.97 -7.72 -7.12
CA TRP A 102 -13.12 -8.60 -6.32
C TRP A 102 -11.75 -8.80 -6.95
N MET A 103 -11.73 -9.00 -8.27
N MET A 103 -11.73 -9.01 -8.27
CA MET A 103 -10.49 -9.18 -9.02
CA MET A 103 -10.49 -9.19 -9.02
C MET A 103 -9.59 -7.95 -8.95
C MET A 103 -9.59 -7.95 -8.96
N HIS A 104 -10.20 -6.76 -9.07
CA HIS A 104 -9.46 -5.50 -8.94
C HIS A 104 -8.79 -5.42 -7.55
N PHE A 105 -9.55 -5.70 -6.50
CA PHE A 105 -9.04 -5.60 -5.13
C PHE A 105 -7.98 -6.67 -4.84
N LEU A 106 -8.21 -7.90 -5.30
CA LEU A 106 -7.31 -9.02 -5.06
CA LEU A 106 -7.30 -9.01 -5.06
C LEU A 106 -5.96 -8.84 -5.78
N VAL A 107 -6.00 -8.37 -7.03
CA VAL A 107 -4.78 -8.10 -7.78
C VAL A 107 -3.96 -7.03 -7.05
N PHE A 108 -4.64 -6.00 -6.54
CA PHE A 108 -3.92 -4.96 -5.80
C PHE A 108 -3.32 -5.51 -4.51
N LEU A 109 -4.12 -6.27 -3.75
CA LEU A 109 -3.64 -6.85 -2.49
C LEU A 109 -2.43 -7.76 -2.71
N VAL A 110 -2.55 -8.70 -3.65
CA VAL A 110 -1.47 -9.66 -3.93
C VAL A 110 -0.23 -8.94 -4.45
N GLY A 111 -0.42 -8.03 -5.41
CA GLY A 111 0.68 -7.25 -5.97
C GLY A 111 1.45 -6.45 -4.93
N ARG A 112 0.73 -5.79 -4.02
CA ARG A 112 1.38 -4.97 -3.00
C ARG A 112 2.06 -5.78 -1.90
N VAL A 113 1.46 -6.89 -1.47
CA VAL A 113 2.13 -7.76 -0.51
C VAL A 113 3.43 -8.30 -1.13
N ALA A 114 3.34 -8.74 -2.38
CA ALA A 114 4.50 -9.21 -3.13
C ALA A 114 5.56 -8.12 -3.29
N HIS A 115 5.13 -6.89 -3.54
CA HIS A 115 6.04 -5.74 -3.63
C HIS A 115 6.89 -5.57 -2.37
N THR A 116 6.25 -5.61 -1.20
CA THR A 116 6.96 -5.48 0.06
C THR A 116 7.95 -6.64 0.28
N VAL A 117 7.51 -7.86 -0.02
CA VAL A 117 8.39 -9.03 0.06
C VAL A 117 9.60 -8.86 -0.87
N ALA A 118 9.35 -8.44 -2.11
CA ALA A 118 10.43 -8.23 -3.09
C ALA A 118 11.38 -7.10 -2.69
N TYR A 119 10.85 -6.04 -2.07
CA TYR A 119 11.66 -4.90 -1.67
C TYR A 119 12.52 -5.22 -0.46
N LEU A 120 11.88 -5.63 0.62
CA LEU A 120 12.60 -5.90 1.87
C LEU A 120 13.46 -7.16 1.78
N GLY A 121 13.05 -8.10 0.93
CA GLY A 121 13.81 -9.33 0.70
C GLY A 121 14.94 -9.20 -0.31
N LYS A 122 15.07 -8.02 -0.90
CA LYS A 122 16.13 -7.71 -1.88
C LYS A 122 16.14 -8.70 -3.06
N LEU A 123 14.95 -9.05 -3.54
CA LEU A 123 14.82 -9.99 -4.66
C LEU A 123 15.32 -9.37 -5.97
N ARG A 124 15.80 -10.21 -6.88
CA ARG A 124 16.39 -9.74 -8.12
C ARG A 124 15.40 -8.96 -8.99
N ALA A 125 15.92 -7.99 -9.74
CA ALA A 125 15.14 -7.28 -10.74
C ALA A 125 14.75 -8.27 -11.86
N PRO A 126 13.57 -8.08 -12.48
CA PRO A 126 12.60 -7.01 -12.23
C PRO A 126 11.42 -7.40 -11.36
N ILE A 127 11.64 -8.29 -10.39
CA ILE A 127 10.52 -8.82 -9.57
C ILE A 127 9.72 -7.69 -8.90
N ARG A 128 10.40 -6.79 -8.19
CA ARG A 128 9.71 -5.67 -7.53
C ARG A 128 8.98 -4.78 -8.53
N SER A 129 9.66 -4.44 -9.63
CA SER A 129 9.07 -3.58 -10.66
C SER A 129 7.81 -4.19 -11.25
N VAL A 130 7.82 -5.50 -11.50
CA VAL A 130 6.66 -6.22 -12.03
C VAL A 130 5.48 -6.17 -11.04
N THR A 131 5.75 -6.40 -9.76
CA THR A 131 4.68 -6.38 -8.75
C THR A 131 4.06 -4.98 -8.65
N TYR A 132 4.88 -3.94 -8.73
CA TYR A 132 4.40 -2.56 -8.72
C TYR A 132 3.47 -2.30 -9.90
N THR A 133 3.91 -2.69 -11.10
CA THR A 133 3.15 -2.45 -12.32
C THR A 133 1.82 -3.23 -12.31
N LEU A 134 1.88 -4.50 -11.91
CA LEU A 134 0.69 -5.34 -11.77
C LEU A 134 -0.35 -4.69 -10.85
N ALA A 135 0.09 -4.23 -9.68
CA ALA A 135 -0.83 -3.62 -8.73
C ALA A 135 -1.41 -2.29 -9.21
N GLN A 136 -0.63 -1.53 -9.99
CA GLN A 136 -1.13 -0.25 -10.51
C GLN A 136 -2.24 -0.41 -11.56
N LEU A 137 -2.26 -1.55 -12.25
CA LEU A 137 -3.26 -1.81 -13.29
C LEU A 137 -4.71 -1.65 -12.82
N PRO A 138 -5.12 -2.36 -11.73
CA PRO A 138 -6.49 -2.13 -11.25
C PRO A 138 -6.76 -0.71 -10.75
N CYS A 139 -5.72 -0.03 -10.27
CA CYS A 139 -5.86 1.37 -9.86
C CYS A 139 -6.16 2.28 -11.04
N ALA A 140 -5.42 2.08 -12.14
CA ALA A 140 -5.66 2.81 -13.38
C ALA A 140 -7.08 2.55 -13.88
N SER A 141 -7.48 1.28 -13.84
CA SER A 141 -8.81 0.87 -14.28
C SER A 141 -9.91 1.56 -13.47
N MET A 142 -9.80 1.55 -12.14
CA MET A 142 -10.79 2.18 -11.28
C MET A 142 -10.84 3.69 -11.48
N ALA A 143 -9.65 4.31 -11.61
CA ALA A 143 -9.56 5.75 -11.84
C ALA A 143 -10.34 6.18 -13.09
N LEU A 144 -10.12 5.47 -14.20
CA LEU A 144 -10.84 5.77 -15.44
C LEU A 144 -12.35 5.60 -15.30
N GLN A 145 -12.77 4.53 -14.63
CA GLN A 145 -14.20 4.29 -14.41
C GLN A 145 -14.85 5.41 -13.59
N ILE A 146 -14.16 5.87 -12.55
CA ILE A 146 -14.64 6.98 -11.74
C ILE A 146 -14.73 8.26 -12.57
N LEU A 147 -13.73 8.50 -13.42
CA LEU A 147 -13.73 9.67 -14.30
CA LEU A 147 -13.72 9.67 -14.29
C LEU A 147 -14.99 9.71 -15.16
N TRP A 148 -15.31 8.60 -15.81
CA TRP A 148 -16.48 8.53 -16.69
C TRP A 148 -17.78 8.77 -15.92
N GLU A 149 -17.90 8.12 -14.76
CA GLU A 149 -19.11 8.25 -13.94
CA GLU A 149 -19.10 8.24 -13.94
C GLU A 149 -19.26 9.67 -13.39
N ALA A 150 -18.16 10.25 -12.92
CA ALA A 150 -18.19 11.62 -12.41
C ALA A 150 -18.51 12.63 -13.52
N ALA A 151 -17.81 12.53 -14.65
CA ALA A 151 -18.00 13.44 -15.78
C ALA A 151 -19.43 13.43 -16.32
N ARG A 152 -20.03 12.25 -16.38
CA ARG A 152 -21.37 12.11 -16.95
C ARG A 152 -22.49 12.61 -16.02
N HIS A 153 -22.16 12.85 -14.75
CA HIS A 153 -23.10 13.38 -13.77
CA HIS A 153 -23.10 13.38 -13.77
C HIS A 153 -22.93 14.87 -13.52
N LEU A 154 -22.06 15.52 -14.30
CA LEU A 154 -21.83 16.96 -14.17
C LEU A 154 -22.98 17.77 -14.75
C7 4UJ B . 13.81 1.80 -11.83
C6 4UJ B . 14.24 0.55 -11.40
C1 4UJ B . 10.89 -4.95 -16.59
N1 4UJ B . 11.67 -1.88 -14.55
C5 4UJ B . 13.98 -0.57 -12.18
C4 4UJ B . 13.28 -0.47 -13.38
C3 4UJ B . 13.00 -1.67 -14.24
C2 4UJ B . 11.22 -2.97 -15.26
CL 4UJ B . 14.54 -2.11 -11.61
C8 4UJ B . 13.13 1.92 -13.02
C9 4UJ B . 12.87 0.79 -13.80
O 4UJ B . 13.91 -2.39 -14.63
S 4UJ B . 12.28 -4.06 -16.09
N 4UJ B . 9.94 -3.23 -15.36
C 4UJ B . 9.75 -4.38 -16.14
C10 4UJ B . 8.38 -4.87 -16.38
C15 4UJ B . 8.14 -5.79 -17.40
C14 4UJ B . 6.85 -6.26 -17.63
C13 4UJ B . 5.79 -5.82 -16.85
C12 4UJ B . 6.03 -4.90 -15.85
C11 4UJ B . 7.31 -4.43 -15.61
N1 GSH C . 8.85 6.97 -6.29
CA1 GSH C . 9.08 5.83 -7.23
C1 GSH C . 10.55 5.64 -7.49
O11 GSH C . 10.94 4.63 -8.13
O12 GSH C . 11.36 6.49 -7.06
CB1 GSH C . 8.27 6.08 -8.49
CG1 GSH C . 8.19 4.89 -9.47
CD1 GSH C . 7.89 3.58 -8.77
OE1 GSH C . 7.02 3.50 -7.93
N2 GSH C . 8.63 2.53 -9.15
CA2 GSH C . 8.49 1.21 -8.57
C2 GSH C . 9.27 1.03 -7.29
O2 GSH C . 9.16 -0.03 -6.66
CB2 GSH C . 8.92 0.13 -9.58
SG2 GSH C . 10.65 0.26 -10.11
N3 GSH C . 10.06 2.04 -6.90
CA3 GSH C . 10.96 1.95 -5.77
C3 GSH C . 10.78 3.06 -4.75
O31 GSH C . 9.80 3.84 -4.83
O32 GSH C . 11.64 3.15 -3.84
C1 JZR D . -10.49 -0.03 -18.30
O1 JZR D . -9.29 0.06 -17.54
C2 JZR D . -11.69 -0.27 -17.39
O2 JZR D . -11.53 -1.51 -16.70
C3 JZR D . -12.98 -0.30 -18.18
O3 JZR D . -14.11 -0.36 -17.28
C4 JZR D . -13.12 0.93 -19.09
O4 JZR D . -14.23 0.73 -19.98
C5 JZR D . -11.84 1.16 -19.90
O5 JZR D . -10.69 1.19 -19.03
C6 JZR D . -11.89 2.45 -20.68
O6 JZR D . -11.73 3.57 -19.82
C1' JZR D . -8.13 -0.19 -18.32
C2' JZR D . -6.88 0.20 -17.54
C3' JZR D . -5.73 0.53 -18.48
C4' JZR D . -4.40 0.47 -17.73
C5' JZR D . -3.48 1.61 -18.16
C6' JZR D . -2.01 1.24 -17.97
C1 BOG E . 14.70 -12.08 3.91
O1 BOG E . 13.30 -11.97 3.64
C2 BOG E . 15.21 -13.43 3.43
O2 BOG E . 14.63 -14.47 4.22
C3 BOG E . 16.75 -13.51 3.51
O3 BOG E . 17.20 -14.66 2.79
C4 BOG E . 17.44 -12.27 2.98
O4 BOG E . 18.82 -12.30 3.37
C5 BOG E . 16.79 -10.98 3.48
O5 BOG E . 15.38 -11.02 3.22
C6 BOG E . 17.37 -9.74 2.83
O6 BOG E . 16.70 -8.58 3.35
C1' BOG E . 12.68 -10.93 4.38
C2' BOG E . 11.42 -10.47 3.65
C3' BOG E . 10.60 -9.55 4.53
C4' BOG E . 9.13 -9.54 4.10
C5' BOG E . 8.27 -8.76 5.08
C6' BOG E . 6.90 -8.47 4.48
C7' BOG E . 6.06 -7.61 5.41
C8' BOG E . 4.62 -7.60 4.97
C1 PGE F . -10.37 -7.36 -14.17
O1 PGE F . -10.86 -8.59 -14.70
C2 PGE F . -9.15 -7.63 -13.32
O2 PGE F . -8.66 -6.41 -12.77
C3 PGE F . -7.24 -6.33 -12.86
C4 PGE F . -6.82 -5.06 -13.60
O4 PGE F . -9.16 -4.35 -17.05
C6 PGE F . -7.95 -3.63 -16.77
C5 PGE F . -7.05 -4.48 -15.89
O3 PGE F . -7.74 -4.80 -14.68
C1 PEG G . 15.56 -5.05 6.00
O1 PEG G . 15.78 -4.50 4.70
C2 PEG G . 14.34 -5.96 5.95
O2 PEG G . 14.43 -6.93 7.00
C3 PEG G . 13.27 -7.76 7.04
C4 PEG G . 13.24 -8.52 8.35
O4 PEG G . 11.90 -8.98 8.62
#